data_3ONM
#
_entry.id   3ONM
#
_cell.length_a   69.468
_cell.length_b   69.468
_cell.length_c   351.216
_cell.angle_alpha   90.000
_cell.angle_beta   90.000
_cell.angle_gamma   90.000
#
_symmetry.space_group_name_H-M   'I 41 2 2'
#
loop_
_entity.id
_entity.type
_entity.pdbx_description
1 polymer 'Transcriptional regulator LrhA'
2 water water
#
_entity_poly.entity_id   1
_entity_poly.type   'polypeptide(L)'
_entity_poly.pdbx_seq_one_letter_code
;MGSSHHHHHHSSGLVPRGSHMYSNMEGSLIIGASDDTADTLLPFLLNRVATLYPRLAIDVRVKRSPFIADMLSSGEVDLA
ITTAKVDSHPHVILRTSPTLWYCSVDYQFQPGEPVPLVVMDEPSLYREMAIEHLTQAGVPWRIAYVASSLSAIRAAVRAG
LGVTARPIEMMSPDLRVLGETEGLPGLPETRYVLCKDKQCDNELALAIFSALQNSYQHTMSSESSLILDSDYLTGDED
;
_entity_poly.pdbx_strand_id   A,B
#
# COMPACT_ATOMS: atom_id res chain seq x y z
N GLY A 27 -33.92 16.75 4.20
CA GLY A 27 -32.61 17.46 4.03
C GLY A 27 -31.84 17.01 2.80
N SER A 28 -30.79 17.77 2.46
CA SER A 28 -29.92 17.48 1.33
C SER A 28 -28.47 17.67 1.75
N LEU A 29 -27.56 17.08 0.98
CA LEU A 29 -26.17 17.03 1.35
C LEU A 29 -25.33 17.02 0.08
N ILE A 30 -24.32 17.89 0.06
CA ILE A 30 -23.34 17.90 -0.99
C ILE A 30 -21.97 17.69 -0.36
N ILE A 31 -21.29 16.64 -0.81
CA ILE A 31 -19.96 16.30 -0.40
C ILE A 31 -18.87 16.76 -1.41
N GLY A 32 -17.88 17.49 -0.91
CA GLY A 32 -16.70 17.86 -1.66
C GLY A 32 -15.60 16.82 -1.47
N ALA A 33 -14.83 16.58 -2.52
CA ALA A 33 -13.76 15.60 -2.46
C ALA A 33 -12.79 15.90 -3.59
N SER A 34 -11.51 15.68 -3.37
CA SER A 34 -10.52 15.77 -4.47
C SER A 34 -10.19 14.40 -4.95
N ASP A 35 -9.45 14.31 -6.06
CA ASP A 35 -9.23 13.06 -6.76
C ASP A 35 -8.42 12.04 -5.95
N ASP A 36 -7.55 12.53 -5.07
CA ASP A 36 -6.78 11.66 -4.16
C ASP A 36 -7.66 10.91 -3.13
N THR A 37 -8.94 11.27 -3.03
CA THR A 37 -9.86 10.52 -2.15
C THR A 37 -11.06 9.94 -2.90
N ALA A 38 -11.30 10.42 -4.12
CA ALA A 38 -12.53 10.08 -4.82
C ALA A 38 -12.71 8.59 -5.03
N ASP A 39 -11.60 7.91 -5.31
CA ASP A 39 -11.61 6.49 -5.57
C ASP A 39 -11.40 5.66 -4.31
N THR A 40 -11.01 6.30 -3.21
CA THR A 40 -10.58 5.58 -2.00
C THR A 40 -11.43 5.80 -0.73
N LEU A 41 -11.24 6.92 -0.02
CA LEU A 41 -12.08 7.26 1.14
C LEU A 41 -13.48 7.81 0.89
N LEU A 42 -13.73 8.34 -0.30
CA LEU A 42 -15.06 8.84 -0.61
C LEU A 42 -16.13 7.72 -0.53
N PRO A 43 -15.88 6.57 -1.20
CA PRO A 43 -16.88 5.49 -1.13
C PRO A 43 -17.06 4.98 0.29
N PHE A 44 -16.01 5.06 1.09
CA PHE A 44 -16.08 4.64 2.51
C PHE A 44 -17.03 5.56 3.27
N LEU A 45 -16.81 6.86 3.13
CA LEU A 45 -17.70 7.86 3.70
C LEU A 45 -19.15 7.66 3.23
N LEU A 46 -19.39 7.49 1.91
CA LEU A 46 -20.72 7.27 1.41
C LEU A 46 -21.42 6.08 2.02
N ASN A 47 -20.74 4.95 2.19
CA ASN A 47 -21.31 3.81 2.94
C ASN A 47 -21.66 4.15 4.41
N ARG A 48 -20.81 4.94 5.08
CA ARG A 48 -21.09 5.34 6.45
C ARG A 48 -22.30 6.22 6.43
N VAL A 49 -22.34 7.20 5.52
CA VAL A 49 -23.46 8.12 5.49
C VAL A 49 -24.76 7.37 5.20
N ALA A 50 -24.76 6.51 4.18
CA ALA A 50 -25.92 5.71 3.85
C ALA A 50 -26.47 4.91 5.06
N THR A 51 -25.59 4.49 5.96
CA THR A 51 -25.98 3.65 7.08
C THR A 51 -26.82 4.50 8.04
N LEU A 52 -26.33 5.71 8.27
CA LEU A 52 -26.97 6.67 9.14
C LEU A 52 -28.21 7.28 8.50
N TYR A 53 -28.18 7.43 7.17
CA TYR A 53 -29.29 8.04 6.43
C TYR A 53 -29.60 7.33 5.12
N PRO A 54 -30.28 6.17 5.18
CA PRO A 54 -30.54 5.43 3.94
C PRO A 54 -31.37 6.20 2.92
N ARG A 55 -32.10 7.23 3.36
CA ARG A 55 -33.02 7.97 2.48
C ARG A 55 -32.46 9.30 2.02
N LEU A 56 -31.17 9.51 2.28
CA LEU A 56 -30.52 10.73 1.92
C LEU A 56 -29.88 10.54 0.55
N ALA A 57 -30.26 11.39 -0.40
CA ALA A 57 -29.57 11.43 -1.69
C ALA A 57 -28.37 12.39 -1.59
N ILE A 58 -27.21 11.94 -2.09
CA ILE A 58 -25.96 12.71 -1.93
C ILE A 58 -25.40 13.18 -3.26
N ASP A 59 -25.21 14.50 -3.41
CA ASP A 59 -24.48 15.12 -4.52
C ASP A 59 -22.99 15.14 -4.21
N VAL A 60 -22.14 14.85 -5.21
CA VAL A 60 -20.69 14.83 -5.01
C VAL A 60 -20.00 15.78 -5.97
N ARG A 61 -19.06 16.57 -5.45
CA ARG A 61 -18.23 17.43 -6.31
C ARG A 61 -16.83 16.96 -6.20
N VAL A 62 -16.18 16.63 -7.32
CA VAL A 62 -14.76 16.27 -7.29
C VAL A 62 -13.97 17.29 -8.07
N LYS A 63 -12.96 17.87 -7.41
CA LYS A 63 -12.19 18.99 -7.94
C LYS A 63 -10.89 19.08 -7.16
N ARG A 64 -9.88 19.72 -7.74
CA ARG A 64 -8.58 19.88 -7.09
C ARG A 64 -8.68 20.58 -5.73
N SER A 65 -7.92 20.06 -4.78
CA SER A 65 -8.00 20.47 -3.37
C SER A 65 -8.07 21.99 -3.10
N PRO A 66 -7.27 22.82 -3.81
CA PRO A 66 -7.50 24.26 -3.59
C PRO A 66 -8.96 24.72 -3.79
N PHE A 67 -9.64 24.18 -4.79
CA PHE A 67 -11.02 24.60 -5.10
C PHE A 67 -12.02 24.15 -4.05
N ILE A 68 -11.93 22.89 -3.62
CA ILE A 68 -12.86 22.32 -2.64
C ILE A 68 -12.80 22.99 -1.25
N ALA A 69 -11.59 23.41 -0.84
CA ALA A 69 -11.41 24.20 0.37
C ALA A 69 -12.28 25.47 0.33
N ASP A 70 -12.21 26.17 -0.80
CA ASP A 70 -13.03 27.36 -1.08
C ASP A 70 -14.54 27.05 -1.14
N MET A 71 -14.90 25.86 -1.62
CA MET A 71 -16.30 25.51 -1.80
C MET A 71 -16.96 25.25 -0.45
N LEU A 72 -16.15 24.83 0.51
CA LEU A 72 -16.64 24.49 1.84
C LEU A 72 -16.87 25.77 2.58
N SER A 73 -15.95 26.70 2.39
CA SER A 73 -16.06 28.05 2.91
C SER A 73 -17.29 28.82 2.39
N SER A 74 -17.77 28.48 1.20
CA SER A 74 -18.83 29.25 0.55
C SER A 74 -20.19 28.56 0.57
N GLY A 75 -20.21 27.30 1.03
CA GLY A 75 -21.46 26.54 1.11
C GLY A 75 -21.82 25.81 -0.18
N GLU A 76 -20.91 25.87 -1.15
CA GLU A 76 -21.07 25.16 -2.41
C GLU A 76 -21.11 23.65 -2.13
N VAL A 77 -20.33 23.21 -1.13
CA VAL A 77 -20.48 21.89 -0.48
C VAL A 77 -20.76 22.00 1.06
N ASP A 78 -21.38 20.97 1.63
CA ASP A 78 -21.68 20.95 3.07
C ASP A 78 -20.56 20.30 3.89
N LEU A 79 -19.89 19.30 3.29
CA LEU A 79 -18.81 18.52 3.90
C LEU A 79 -17.77 18.31 2.83
N ALA A 80 -16.51 18.18 3.25
CA ALA A 80 -15.41 17.87 2.31
C ALA A 80 -14.47 16.81 2.87
N ILE A 81 -14.07 15.88 2.04
CA ILE A 81 -13.03 14.94 2.45
C ILE A 81 -11.73 15.24 1.72
N THR A 82 -10.70 15.51 2.51
CA THR A 82 -9.39 15.88 1.99
C THR A 82 -8.20 15.22 2.74
N THR A 83 -6.98 15.46 2.26
CA THR A 83 -5.76 14.99 2.91
C THR A 83 -4.87 16.12 3.41
N ALA A 84 -5.35 17.36 3.31
CA ALA A 84 -4.55 18.51 3.70
C ALA A 84 -4.49 18.66 5.20
N LYS A 85 -3.49 19.42 5.64
CA LYS A 85 -3.31 19.82 7.03
C LYS A 85 -4.34 20.91 7.32
N VAL A 86 -5.49 20.50 7.80
CA VAL A 86 -6.63 21.39 8.02
C VAL A 86 -6.86 21.60 9.52
N SER A 88 -6.92 24.84 10.90
CA SER A 88 -7.75 26.04 10.77
C SER A 88 -9.26 25.77 11.01
N HIS A 89 -9.62 24.48 11.14
CA HIS A 89 -11.02 24.03 11.03
C HIS A 89 -11.44 22.88 11.96
N PRO A 90 -12.77 22.65 12.09
CA PRO A 90 -13.27 21.40 12.68
C PRO A 90 -13.06 20.23 11.71
N HIS A 91 -12.45 19.15 12.19
CA HIS A 91 -12.13 18.00 11.35
C HIS A 91 -12.18 16.66 12.10
N VAL A 92 -12.68 15.65 11.43
CA VAL A 92 -12.64 14.29 11.94
C VAL A 92 -11.66 13.52 11.06
N ILE A 93 -10.80 12.73 11.68
CA ILE A 93 -9.87 11.86 10.99
C ILE A 93 -10.53 10.54 10.65
N LEU A 94 -10.73 10.25 9.36
CA LEU A 94 -11.34 9.00 8.92
C LEU A 94 -10.38 7.82 8.88
N ARG A 95 -9.09 8.09 8.59
CA ARG A 95 -8.07 7.07 8.48
C ARG A 95 -6.66 7.69 8.42
N THR A 96 -5.68 6.97 8.95
CA THR A 96 -4.28 7.32 8.85
C THR A 96 -3.60 6.20 8.10
N SER A 97 -2.82 6.58 7.08
CA SER A 97 -2.18 5.63 6.17
C SER A 97 -0.74 6.01 5.99
N PRO A 98 0.16 5.03 5.87
CA PRO A 98 1.54 5.35 5.47
C PRO A 98 1.57 6.07 4.11
N THR A 99 2.57 6.95 3.93
CA THR A 99 2.86 7.55 2.61
C THR A 99 4.20 7.00 2.18
N LEU A 100 4.29 6.58 0.92
CA LEU A 100 5.44 5.84 0.42
C LEU A 100 5.96 6.39 -0.90
N TRP A 101 7.20 6.01 -1.23
CA TRP A 101 7.82 6.29 -2.52
C TRP A 101 7.52 5.14 -3.42
N TYR A 102 7.06 5.45 -4.64
CA TYR A 102 6.70 4.39 -5.59
C TYR A 102 7.51 4.56 -6.87
N CYS A 103 7.83 3.44 -7.52
CA CYS A 103 8.30 3.44 -8.89
C CYS A 103 7.68 2.23 -9.60
N SER A 104 7.96 2.04 -10.89
CA SER A 104 7.38 0.91 -11.66
C SER A 104 7.99 -0.44 -11.27
N VAL A 105 7.35 -1.55 -11.68
CA VAL A 105 7.86 -2.88 -11.35
C VAL A 105 9.29 -3.10 -11.87
N ASP A 106 9.67 -2.41 -12.95
CA ASP A 106 11.01 -2.59 -13.54
C ASP A 106 11.77 -1.27 -13.71
N TYR A 107 11.56 -0.35 -12.79
CA TYR A 107 12.24 0.93 -12.84
C TYR A 107 13.71 0.74 -12.46
N GLN A 108 14.60 1.41 -13.18
CA GLN A 108 16.03 1.33 -12.91
C GLN A 108 16.42 2.43 -11.93
N PHE A 109 16.11 2.24 -10.66
CA PHE A 109 16.48 3.24 -9.67
C PHE A 109 18.01 3.34 -9.51
N GLN A 110 18.52 4.56 -9.44
CA GLN A 110 19.93 4.81 -9.37
C GLN A 110 20.21 5.85 -8.29
N PRO A 111 20.74 5.38 -7.14
CA PRO A 111 21.24 6.15 -5.99
C PRO A 111 22.19 7.30 -6.35
N GLY A 112 23.18 7.00 -7.20
CA GLY A 112 24.14 8.02 -7.66
C GLY A 112 23.58 9.17 -8.48
N GLU A 113 22.26 9.29 -8.55
CA GLU A 113 21.62 10.32 -9.37
C GLU A 113 20.50 11.04 -8.60
N PRO A 114 19.97 12.16 -9.14
CA PRO A 114 18.87 12.80 -8.44
C PRO A 114 17.50 12.20 -8.82
N VAL A 115 16.69 11.97 -7.78
CA VAL A 115 15.39 11.34 -7.90
C VAL A 115 14.54 12.06 -8.93
N PRO A 116 14.16 11.37 -10.02
CA PRO A 116 13.33 12.03 -11.02
C PRO A 116 11.86 11.93 -10.58
N LEU A 117 11.25 13.06 -10.27
CA LEU A 117 9.93 13.10 -9.64
C LEU A 117 8.78 13.22 -10.65
N VAL A 118 7.74 12.44 -10.42
CA VAL A 118 6.52 12.53 -11.19
C VAL A 118 5.54 13.12 -10.20
N VAL A 119 5.12 14.35 -10.46
CA VAL A 119 4.33 15.11 -9.48
C VAL A 119 3.32 15.87 -10.29
N MET A 120 2.23 16.26 -9.65
CA MET A 120 1.33 17.22 -10.23
C MET A 120 1.92 18.63 -10.27
N ASP A 121 1.22 19.51 -11.00
CA ASP A 121 1.68 20.88 -11.10
C ASP A 121 1.38 21.64 -9.83
N GLU A 122 2.18 22.67 -9.56
CA GLU A 122 1.92 23.55 -8.44
C GLU A 122 0.49 24.11 -8.56
N PRO A 123 -0.25 24.14 -7.44
CA PRO A 123 0.21 23.71 -6.10
C PRO A 123 -0.25 22.27 -5.83
N SER A 124 0.49 21.54 -4.99
CA SER A 124 0.25 20.12 -4.74
C SER A 124 0.94 19.68 -3.46
N LEU A 125 0.13 19.26 -2.49
CA LEU A 125 0.63 18.88 -1.20
C LEU A 125 1.70 17.77 -1.27
N TYR A 126 1.46 16.78 -2.14
CA TYR A 126 2.36 15.59 -2.25
C TYR A 126 3.67 15.94 -2.92
N ARG A 127 3.60 16.93 -3.81
CA ARG A 127 4.77 17.47 -4.49
C ARG A 127 5.60 18.22 -3.45
N GLU A 128 4.96 19.08 -2.66
CA GLU A 128 5.65 19.83 -1.59
C GLU A 128 6.22 18.91 -0.51
N MET A 129 5.46 17.90 -0.10
CA MET A 129 5.92 16.88 0.84
C MET A 129 7.16 16.13 0.33
N ALA A 130 7.10 15.69 -0.91
CA ALA A 130 8.23 14.94 -1.48
C ALA A 130 9.46 15.81 -1.39
N ILE A 131 9.32 17.04 -1.88
CA ILE A 131 10.42 17.97 -2.00
C ILE A 131 10.98 18.40 -0.64
N GLU A 132 10.13 18.77 0.32
CA GLU A 132 10.59 19.08 1.68
C GLU A 132 11.46 17.95 2.25
N HIS A 133 10.97 16.71 2.15
CA HIS A 133 11.74 15.55 2.66
C HIS A 133 13.03 15.19 1.93
N LEU A 134 13.09 15.29 0.61
CA LEU A 134 14.40 15.16 -0.05
C LEU A 134 15.40 16.22 0.40
N THR A 135 14.95 17.47 0.49
CA THR A 135 15.73 18.62 0.95
C THR A 135 16.26 18.49 2.38
N GLN A 136 15.33 18.25 3.31
CA GLN A 136 15.56 17.86 4.69
C GLN A 136 16.65 16.77 4.78
N ALA A 137 16.50 15.71 3.98
CA ALA A 137 17.42 14.57 3.99
C ALA A 137 18.69 14.75 3.15
N GLY A 138 18.79 15.88 2.43
CA GLY A 138 19.97 16.15 1.60
C GLY A 138 20.02 15.44 0.24
N VAL A 139 18.93 14.76 -0.12
CA VAL A 139 18.89 13.97 -1.37
C VAL A 139 18.48 14.85 -2.55
N PRO A 140 19.30 14.87 -3.62
CA PRO A 140 18.99 15.72 -4.77
C PRO A 140 17.83 15.14 -5.57
N TRP A 141 17.14 16.00 -6.32
CA TRP A 141 15.91 15.67 -7.04
C TRP A 141 15.76 16.56 -8.26
N ARG A 142 14.94 16.14 -9.21
CA ARG A 142 14.53 16.96 -10.34
C ARG A 142 13.06 16.66 -10.60
N ILE A 143 12.42 17.51 -11.39
CA ILE A 143 11.03 17.33 -11.80
C ILE A 143 11.06 16.57 -13.10
N ALA A 144 10.85 15.27 -13.04
CA ALA A 144 10.94 14.47 -14.26
C ALA A 144 9.71 14.58 -15.13
N TYR A 145 8.55 14.81 -14.51
CA TYR A 145 7.29 14.74 -15.25
C TYR A 145 6.15 15.41 -14.51
N VAL A 146 5.52 16.39 -15.13
CA VAL A 146 4.34 16.99 -14.53
C VAL A 146 3.06 16.47 -15.18
N ALA A 147 2.02 16.29 -14.38
CA ALA A 147 0.70 15.97 -14.90
C ALA A 147 -0.38 16.59 -13.99
N SER A 148 -1.61 16.71 -14.48
CA SER A 148 -2.65 17.45 -13.78
C SER A 148 -3.69 16.62 -13.04
N SER A 149 -3.43 15.32 -12.84
CA SER A 149 -4.40 14.46 -12.18
C SER A 149 -3.72 13.28 -11.52
N LEU A 150 -4.40 12.69 -10.54
CA LEU A 150 -3.87 11.46 -9.94
C LEU A 150 -3.72 10.34 -10.99
N SER A 151 -4.69 10.23 -11.90
CA SER A 151 -4.70 9.20 -12.92
C SER A 151 -3.48 9.33 -13.83
N ALA A 152 -3.14 10.55 -14.26
CA ALA A 152 -1.93 10.78 -15.03
C ALA A 152 -0.67 10.47 -14.21
N ILE A 153 -0.67 10.83 -12.92
CA ILE A 153 0.44 10.45 -12.02
C ILE A 153 0.66 8.93 -11.98
N ARG A 154 -0.36 8.20 -11.54
CA ARG A 154 -0.34 6.74 -11.51
C ARG A 154 0.21 6.16 -12.80
N ALA A 155 -0.30 6.63 -13.93
CA ALA A 155 0.10 6.05 -15.22
C ALA A 155 1.59 6.23 -15.45
N ALA A 156 2.05 7.46 -15.28
CA ALA A 156 3.47 7.77 -15.43
C ALA A 156 4.35 6.88 -14.56
N VAL A 157 4.04 6.77 -13.28
CA VAL A 157 4.85 5.93 -12.40
C VAL A 157 4.87 4.50 -12.92
N ARG A 158 3.67 3.94 -13.16
CA ARG A 158 3.49 2.56 -13.66
C ARG A 158 4.28 2.28 -14.91
N ALA A 159 4.38 3.29 -15.77
CA ALA A 159 5.07 3.25 -17.05
C ALA A 159 6.54 3.70 -16.97
N GLY A 160 7.04 3.87 -15.73
CA GLY A 160 8.48 4.05 -15.47
C GLY A 160 9.13 5.40 -15.71
N LEU A 161 8.35 6.49 -15.61
CA LEU A 161 8.87 7.83 -15.89
C LEU A 161 9.54 8.46 -14.66
N GLY A 162 9.42 7.78 -13.53
CA GLY A 162 10.10 8.19 -12.34
C GLY A 162 9.39 7.82 -11.06
N VAL A 163 9.68 8.59 -10.02
CA VAL A 163 9.30 8.28 -8.66
C VAL A 163 8.25 9.28 -8.15
N THR A 164 7.29 8.79 -7.37
CA THR A 164 6.36 9.67 -6.67
C THR A 164 6.12 9.28 -5.22
N ALA A 165 5.63 10.26 -4.46
CA ALA A 165 5.26 10.04 -3.08
C ALA A 165 3.72 10.06 -2.95
N ARG A 166 3.14 8.93 -2.55
CA ARG A 166 1.68 8.87 -2.38
C ARG A 166 1.20 7.92 -1.28
N PRO A 167 -0.08 8.03 -0.88
CA PRO A 167 -0.56 7.16 0.20
C PRO A 167 -0.57 5.72 -0.21
N ILE A 168 -0.47 4.86 0.80
CA ILE A 168 -0.62 3.46 0.59
C ILE A 168 -1.82 3.10 -0.28
N GLU A 169 -2.88 3.94 -0.33
CA GLU A 169 -4.07 3.57 -1.13
C GLU A 169 -3.81 3.52 -2.65
N MET A 170 -2.72 4.13 -3.07
CA MET A 170 -2.31 4.13 -4.44
C MET A 170 -1.69 2.80 -4.86
N MET A 171 -1.27 2.00 -3.90
CA MET A 171 -0.53 0.77 -4.18
C MET A 171 -1.20 -0.16 -5.19
N SER A 172 -0.36 -0.85 -5.94
CA SER A 172 -0.74 -1.92 -6.85
C SER A 172 0.34 -3.00 -6.84
N PRO A 173 0.00 -4.27 -7.12
CA PRO A 173 1.05 -5.26 -7.39
C PRO A 173 1.92 -4.84 -8.61
N ASP A 174 1.33 -3.99 -9.45
CA ASP A 174 1.96 -3.19 -10.51
C ASP A 174 3.13 -2.23 -10.12
N LEU A 175 3.41 -2.07 -8.82
CA LEU A 175 4.35 -1.06 -8.38
C LEU A 175 5.36 -1.51 -7.33
N ARG A 176 6.53 -0.87 -7.36
CA ARG A 176 7.54 -1.09 -6.35
C ARG A 176 7.57 0.06 -5.33
N VAL A 177 7.94 -0.25 -4.11
CA VAL A 177 8.19 0.73 -3.08
C VAL A 177 9.71 0.90 -2.84
N LEU A 178 10.16 2.17 -2.76
CA LEU A 178 11.56 2.51 -2.52
C LEU A 178 11.70 3.16 -1.17
N GLY A 179 12.73 2.81 -0.43
CA GLY A 179 12.86 3.32 0.92
C GLY A 179 14.31 3.38 1.38
N GLU A 180 14.50 3.11 2.67
CA GLU A 180 15.78 3.30 3.34
C GLU A 180 16.93 2.61 2.62
N THR A 181 16.67 1.41 2.07
CA THR A 181 17.71 0.63 1.37
C THR A 181 18.19 1.37 0.12
N GLU A 182 17.26 2.02 -0.54
CA GLU A 182 17.53 2.76 -1.76
C GLU A 182 17.88 4.24 -1.46
N GLY A 183 17.96 4.60 -0.17
CA GLY A 183 18.43 5.94 0.26
C GLY A 183 17.36 7.02 0.48
N LEU A 184 16.10 6.68 0.22
CA LEU A 184 15.00 7.65 0.34
C LEU A 184 14.49 7.71 1.78
N PRO A 185 14.10 8.92 2.28
CA PRO A 185 13.71 9.07 3.68
C PRO A 185 12.28 8.62 3.93
N GLY A 186 11.97 8.42 5.21
CA GLY A 186 10.61 8.22 5.71
C GLY A 186 9.73 9.42 5.37
N LEU A 187 8.44 9.16 5.18
CA LEU A 187 7.52 10.21 4.82
C LEU A 187 6.49 10.24 5.93
N PRO A 188 5.89 11.41 6.19
CA PRO A 188 4.86 11.43 7.24
C PRO A 188 3.63 10.70 6.74
N GLU A 189 2.79 10.30 7.68
CA GLU A 189 1.60 9.59 7.32
C GLU A 189 0.59 10.57 6.74
N THR A 190 -0.26 10.04 5.89
CA THR A 190 -1.39 10.73 5.30
C THR A 190 -2.53 10.55 6.29
N ARG A 191 -3.25 11.64 6.58
CA ARG A 191 -4.45 11.65 7.41
C ARG A 191 -5.59 12.06 6.46
N TYR A 192 -6.58 11.18 6.28
CA TYR A 192 -7.77 11.50 5.57
C TYR A 192 -8.74 12.07 6.56
N VAL A 193 -9.21 13.28 6.26
CA VAL A 193 -9.96 14.09 7.18
C VAL A 193 -11.24 14.59 6.57
N LEU A 194 -12.26 14.63 7.43
CA LEU A 194 -13.57 15.13 7.09
C LEU A 194 -13.64 16.52 7.69
N CYS A 195 -14.12 17.46 6.89
CA CYS A 195 -14.22 18.87 7.28
C CYS A 195 -15.60 19.39 7.02
N LYS A 196 -16.06 20.24 7.94
CA LYS A 196 -17.23 21.09 7.81
C LYS A 196 -16.73 22.53 8.03
N ASP A 197 -17.52 23.50 7.63
CA ASP A 197 -17.19 24.91 7.82
C ASP A 197 -17.50 25.34 9.25
N LYS A 198 -16.65 26.22 9.81
CA LYS A 198 -16.86 26.78 11.16
C LYS A 198 -18.30 27.25 11.41
N GLN A 199 -18.93 27.79 10.38
CA GLN A 199 -20.27 28.37 10.49
C GLN A 199 -21.35 27.58 9.74
N CYS A 200 -21.12 26.28 9.60
CA CYS A 200 -22.09 25.35 9.01
C CYS A 200 -23.41 25.34 9.77
N ASP A 201 -24.52 25.34 9.03
CA ASP A 201 -25.87 25.27 9.60
C ASP A 201 -26.79 24.36 8.78
N ASN A 202 -26.17 23.40 8.08
CA ASN A 202 -26.91 22.28 7.51
C ASN A 202 -26.92 21.24 8.60
N GLU A 203 -28.10 20.99 9.18
CA GLU A 203 -28.24 20.18 10.41
C GLU A 203 -27.81 18.75 10.14
N LEU A 204 -28.04 18.31 8.92
CA LEU A 204 -27.65 16.98 8.45
C LEU A 204 -26.13 16.83 8.34
N ALA A 205 -25.43 17.82 7.79
CA ALA A 205 -23.95 17.77 7.75
C ALA A 205 -23.40 17.79 9.19
N LEU A 206 -24.02 18.59 10.04
CA LEU A 206 -23.72 18.63 11.51
C LEU A 206 -23.89 17.31 12.25
N ALA A 207 -24.89 16.50 11.89
CA ALA A 207 -25.08 15.21 12.57
C ALA A 207 -24.12 14.18 12.00
N ILE A 208 -23.92 14.18 10.68
CA ILE A 208 -22.92 13.29 10.09
C ILE A 208 -21.55 13.54 10.70
N PHE A 209 -21.12 14.81 10.71
CA PHE A 209 -19.84 15.14 11.34
C PHE A 209 -19.79 14.54 12.73
N SER A 210 -20.82 14.84 13.53
CA SER A 210 -20.85 14.41 14.94
C SER A 210 -20.90 12.89 15.09
N ALA A 211 -21.52 12.21 14.13
CA ALA A 211 -21.64 10.78 14.19
C ALA A 211 -20.30 10.13 13.90
N LEU A 212 -19.62 10.64 12.86
CA LEU A 212 -18.30 10.16 12.51
C LEU A 212 -17.34 10.51 13.62
N GLN A 213 -17.48 11.69 14.20
CA GLN A 213 -16.62 12.04 15.34
C GLN A 213 -16.76 11.09 16.50
N ASN A 214 -17.99 10.66 16.81
CA ASN A 214 -18.18 9.74 17.95
C ASN A 214 -17.72 8.30 17.64
N SER A 215 -17.17 8.07 16.46
CA SER A 215 -16.60 6.76 16.12
C SER A 215 -15.12 6.67 16.47
N TYR A 216 -14.37 7.76 16.24
CA TYR A 216 -12.91 7.73 16.25
C TYR A 216 -12.23 8.33 17.49
N GLN A 217 -12.86 8.14 18.65
CA GLN A 217 -12.35 8.67 19.90
C GLN A 217 -13.01 7.95 21.09
N SER B 28 12.39 -21.83 -22.86
CA SER B 28 13.63 -22.58 -22.51
C SER B 28 13.82 -22.81 -21.00
N LEU B 29 13.33 -21.90 -20.17
CA LEU B 29 13.79 -21.79 -18.78
C LEU B 29 12.74 -22.08 -17.70
N ILE B 30 13.19 -22.71 -16.61
CA ILE B 30 12.37 -22.95 -15.40
C ILE B 30 12.81 -22.11 -14.20
N ILE B 31 11.82 -21.46 -13.57
CA ILE B 31 12.01 -20.65 -12.36
C ILE B 31 11.20 -21.24 -11.24
N GLY B 32 11.69 -21.10 -10.01
CA GLY B 32 10.92 -21.43 -8.83
C GLY B 32 10.54 -20.16 -8.12
N ALA B 33 9.34 -20.14 -7.54
CA ALA B 33 8.86 -18.92 -6.90
C ALA B 33 8.08 -19.19 -5.61
N SER B 34 8.42 -18.45 -4.55
CA SER B 34 7.58 -18.45 -3.37
C SER B 34 6.16 -17.97 -3.71
N ASP B 35 5.15 -18.65 -3.14
CA ASP B 35 3.73 -18.35 -3.43
C ASP B 35 3.42 -16.85 -3.33
N ASP B 36 4.01 -16.20 -2.34
CA ASP B 36 3.82 -14.76 -2.13
C ASP B 36 4.34 -13.94 -3.32
N THR B 37 5.37 -14.46 -3.98
CA THR B 37 5.86 -13.80 -5.19
C THR B 37 4.90 -14.08 -6.34
N ALA B 38 4.53 -15.35 -6.47
CA ALA B 38 3.63 -15.78 -7.51
C ALA B 38 2.28 -15.05 -7.48
N ASP B 39 1.80 -14.77 -6.27
CA ASP B 39 0.38 -14.41 -6.10
C ASP B 39 0.12 -12.92 -6.34
N THR B 40 1.21 -12.18 -6.48
CA THR B 40 1.19 -10.72 -6.57
C THR B 40 2.08 -10.26 -7.75
N LEU B 41 3.33 -9.92 -7.45
CA LEU B 41 4.19 -9.20 -8.38
C LEU B 41 4.67 -9.94 -9.63
N LEU B 42 4.76 -11.27 -9.56
CA LEU B 42 5.45 -12.09 -10.58
C LEU B 42 4.89 -11.95 -12.00
N PRO B 43 3.60 -12.25 -12.24
CA PRO B 43 3.19 -12.09 -13.67
C PRO B 43 3.50 -10.70 -14.26
N PHE B 44 3.51 -9.65 -13.43
CA PHE B 44 3.78 -8.27 -13.87
C PHE B 44 5.24 -8.14 -14.24
N LEU B 45 6.08 -8.78 -13.41
CA LEU B 45 7.52 -8.83 -13.62
C LEU B 45 7.86 -9.63 -14.88
N LEU B 46 7.10 -10.69 -15.15
CA LEU B 46 7.40 -11.51 -16.32
C LEU B 46 6.85 -10.91 -17.60
N ASN B 47 5.77 -10.15 -17.49
CA ASN B 47 5.17 -9.47 -18.64
C ASN B 47 6.21 -8.57 -19.34
N ARG B 48 7.00 -7.85 -18.55
CA ARG B 48 8.17 -7.13 -19.05
C ARG B 48 9.13 -8.06 -19.79
N VAL B 49 9.44 -9.21 -19.17
CA VAL B 49 10.35 -10.20 -19.77
C VAL B 49 9.68 -10.92 -20.96
N ALA B 50 8.39 -10.64 -21.17
CA ALA B 50 7.68 -11.15 -22.34
C ALA B 50 7.88 -10.25 -23.58
N THR B 51 8.56 -9.12 -23.41
CA THR B 51 9.02 -8.31 -24.54
C THR B 51 10.28 -8.92 -25.15
N LEU B 52 11.15 -9.46 -24.30
CA LEU B 52 12.23 -10.34 -24.75
C LEU B 52 11.55 -11.59 -25.32
N TYR B 53 11.39 -11.61 -26.64
CA TYR B 53 10.53 -12.57 -27.34
C TYR B 53 10.82 -14.05 -27.05
N PRO B 54 9.76 -14.88 -27.08
CA PRO B 54 9.90 -16.33 -27.17
C PRO B 54 10.13 -16.77 -28.63
N LEU B 56 12.15 -16.35 -24.42
CA LEU B 56 11.79 -17.76 -24.25
C LEU B 56 10.57 -17.94 -23.34
N ALA B 57 9.81 -19.01 -23.59
CA ALA B 57 8.65 -19.40 -22.80
C ALA B 57 9.09 -19.86 -21.39
N ILE B 58 8.78 -19.03 -20.40
CA ILE B 58 9.19 -19.30 -19.01
C ILE B 58 8.16 -20.18 -18.26
N ASP B 59 8.67 -21.07 -17.42
CA ASP B 59 7.88 -22.04 -16.64
C ASP B 59 7.97 -21.83 -15.11
N VAL B 60 6.83 -21.50 -14.48
CA VAL B 60 6.79 -21.07 -13.08
C VAL B 60 6.41 -22.18 -12.08
N ARG B 61 7.32 -22.44 -11.15
CA ARG B 61 7.16 -23.56 -10.22
C ARG B 61 7.07 -23.04 -8.80
N VAL B 62 5.90 -23.25 -8.17
CA VAL B 62 5.65 -22.54 -6.92
C VAL B 62 5.69 -23.47 -5.73
N LYS B 63 6.32 -22.98 -4.66
CA LYS B 63 6.21 -23.57 -3.33
C LYS B 63 6.30 -22.46 -2.31
N ARG B 64 5.95 -22.73 -1.06
CA ARG B 64 6.21 -21.80 0.05
C ARG B 64 7.70 -21.45 0.17
N SER B 65 8.00 -20.23 0.55
CA SER B 65 9.39 -19.69 0.53
C SER B 65 10.50 -20.48 1.26
N PRO B 66 10.17 -21.23 2.33
CA PRO B 66 11.30 -21.94 2.91
C PRO B 66 11.77 -23.15 2.10
N PHE B 67 11.08 -23.45 0.98
CA PHE B 67 11.38 -24.67 0.24
C PHE B 67 12.02 -24.36 -1.11
N ILE B 68 12.11 -23.08 -1.43
CA ILE B 68 12.54 -22.67 -2.75
C ILE B 68 14.01 -22.94 -3.03
N ALA B 69 14.86 -22.70 -2.04
CA ALA B 69 16.29 -22.80 -2.22
C ALA B 69 16.68 -24.24 -2.57
N ASP B 70 15.95 -25.21 -2.01
CA ASP B 70 16.21 -26.64 -2.23
C ASP B 70 15.92 -27.03 -3.68
N MET B 71 15.06 -26.26 -4.33
CA MET B 71 14.71 -26.49 -5.72
C MET B 71 15.84 -26.12 -6.68
N LEU B 72 16.75 -25.23 -6.24
CA LEU B 72 17.99 -24.93 -6.99
C LEU B 72 19.05 -25.95 -6.71
N SER B 73 19.04 -26.46 -5.48
CA SER B 73 20.07 -27.37 -5.06
C SER B 73 19.93 -28.64 -5.88
N SER B 74 18.71 -29.18 -5.93
CA SER B 74 18.43 -30.42 -6.66
C SER B 74 18.45 -30.28 -8.20
N GLY B 75 18.73 -29.08 -8.69
CA GLY B 75 18.78 -28.83 -10.12
C GLY B 75 17.41 -28.70 -10.78
N GLU B 76 16.36 -28.70 -9.97
CA GLU B 76 14.98 -28.69 -10.44
C GLU B 76 14.57 -27.41 -11.16
N VAL B 77 15.06 -26.27 -10.67
CA VAL B 77 14.88 -24.97 -11.32
C VAL B 77 16.25 -24.35 -11.63
N ASP B 78 16.31 -23.44 -12.60
CA ASP B 78 17.58 -22.82 -12.99
C ASP B 78 17.77 -21.48 -12.25
N LEU B 79 16.65 -20.79 -11.99
CA LEU B 79 16.59 -19.54 -11.23
C LEU B 79 15.41 -19.63 -10.26
N ALA B 80 15.49 -18.92 -9.13
CA ALA B 80 14.38 -18.90 -8.16
C ALA B 80 14.23 -17.52 -7.55
N ILE B 81 13.03 -17.26 -7.05
CA ILE B 81 12.71 -16.05 -6.28
C ILE B 81 11.94 -16.44 -5.01
N THR B 82 12.42 -15.92 -3.89
CA THR B 82 11.80 -16.21 -2.60
C THR B 82 11.89 -15.00 -1.67
N THR B 83 11.06 -15.03 -0.63
CA THR B 83 11.08 -14.05 0.42
C THR B 83 11.80 -14.57 1.67
N ALA B 84 12.15 -15.85 1.66
CA ALA B 84 13.06 -16.41 2.68
C ALA B 84 14.44 -15.77 2.59
N LYS B 85 15.15 -15.74 3.71
CA LYS B 85 16.58 -15.44 3.69
C LYS B 85 17.27 -16.58 2.94
N VAL B 86 18.21 -16.27 2.06
CA VAL B 86 18.99 -17.36 1.46
C VAL B 86 20.28 -17.55 2.23
N ASP B 87 20.47 -18.77 2.72
CA ASP B 87 21.63 -19.12 3.52
C ASP B 87 22.85 -19.18 2.63
N SER B 88 22.77 -20.00 1.58
CA SER B 88 23.93 -20.25 0.73
C SER B 88 23.56 -20.50 -0.75
N HIS B 89 23.21 -19.41 -1.42
CA HIS B 89 23.21 -19.31 -2.86
C HIS B 89 23.55 -17.87 -3.19
N PRO B 90 24.18 -17.61 -4.35
CA PRO B 90 24.29 -16.21 -4.75
C PRO B 90 22.91 -15.66 -5.10
N HIS B 91 22.60 -14.49 -4.56
CA HIS B 91 21.31 -13.88 -4.76
C HIS B 91 21.46 -12.39 -4.93
N VAL B 92 20.54 -11.80 -5.69
CA VAL B 92 20.42 -10.35 -5.71
C VAL B 92 19.02 -9.93 -5.21
N ILE B 93 18.93 -8.73 -4.63
CA ILE B 93 17.67 -8.17 -4.18
C ILE B 93 16.91 -7.49 -5.31
N LEU B 94 15.70 -7.97 -5.58
CA LEU B 94 14.83 -7.34 -6.55
C LEU B 94 14.06 -6.09 -6.01
N ARG B 95 13.66 -6.12 -4.74
CA ARG B 95 12.96 -5.01 -4.06
C ARG B 95 12.91 -5.26 -2.56
N THR B 96 12.75 -4.19 -1.77
CA THR B 96 12.54 -4.30 -0.33
C THR B 96 11.20 -3.63 0.02
N SER B 97 10.19 -4.43 0.29
CA SER B 97 8.85 -3.97 0.55
C SER B 97 8.57 -3.87 2.06
N PRO B 98 7.88 -2.84 2.53
CA PRO B 98 7.40 -2.92 3.93
C PRO B 98 6.41 -4.07 4.14
N THR B 99 6.40 -4.60 5.37
CA THR B 99 5.46 -5.64 5.76
C THR B 99 4.55 -4.99 6.80
N LEU B 100 3.24 -5.23 6.67
CA LEU B 100 2.19 -4.46 7.38
C LEU B 100 1.06 -5.28 7.98
N TRP B 101 0.48 -4.81 9.08
CA TRP B 101 -0.78 -5.37 9.64
C TRP B 101 -1.97 -4.78 8.90
N TYR B 102 -2.76 -5.66 8.28
CA TYR B 102 -3.88 -5.29 7.44
C TYR B 102 -5.17 -5.83 8.04
N CYS B 103 -6.24 -5.07 7.94
CA CYS B 103 -7.59 -5.54 8.30
C CYS B 103 -8.55 -5.01 7.23
N SER B 104 -9.83 -5.34 7.32
CA SER B 104 -10.78 -4.78 6.35
C SER B 104 -11.04 -3.30 6.63
N VAL B 105 -11.58 -2.64 5.63
CA VAL B 105 -11.93 -1.24 5.68
C VAL B 105 -12.78 -0.94 6.93
N ASP B 106 -13.65 -1.87 7.29
CA ASP B 106 -14.70 -1.65 8.27
C ASP B 106 -14.44 -2.25 9.64
N TYR B 107 -13.32 -2.97 9.76
CA TYR B 107 -13.02 -3.76 10.92
C TYR B 107 -12.75 -2.86 12.13
N GLN B 108 -13.33 -3.21 13.26
CA GLN B 108 -13.12 -2.41 14.48
C GLN B 108 -12.10 -3.11 15.37
N PHE B 109 -10.91 -2.50 15.45
CA PHE B 109 -9.88 -3.02 16.31
C PHE B 109 -10.26 -2.83 17.78
N GLN B 110 -10.17 -3.89 18.58
CA GLN B 110 -10.36 -3.78 20.03
C GLN B 110 -8.98 -3.69 20.70
N PRO B 111 -8.58 -2.51 21.18
CA PRO B 111 -7.22 -2.36 21.72
C PRO B 111 -7.06 -3.16 23.03
N GLY B 112 -8.18 -3.35 23.73
CA GLY B 112 -8.22 -4.24 24.88
C GLY B 112 -7.75 -5.66 24.63
N GLU B 113 -8.28 -6.29 23.59
CA GLU B 113 -8.31 -7.75 23.46
C GLU B 113 -7.12 -8.40 22.74
N PRO B 114 -7.01 -9.74 22.87
CA PRO B 114 -6.03 -10.47 22.09
C PRO B 114 -6.24 -10.27 20.59
N VAL B 115 -5.17 -10.09 19.83
CA VAL B 115 -5.29 -9.80 18.42
C VAL B 115 -5.82 -11.02 17.66
N PRO B 116 -6.97 -10.90 16.98
CA PRO B 116 -7.44 -12.09 16.26
C PRO B 116 -6.70 -12.25 14.95
N LEU B 117 -5.87 -13.27 14.82
CA LEU B 117 -5.01 -13.40 13.66
C LEU B 117 -5.67 -14.25 12.60
N VAL B 118 -5.45 -13.84 11.34
CA VAL B 118 -5.94 -14.56 10.15
C VAL B 118 -4.70 -15.04 9.43
N VAL B 119 -4.48 -16.33 9.51
CA VAL B 119 -3.19 -16.92 9.14
C VAL B 119 -3.42 -18.20 8.30
N MET B 120 -2.44 -18.46 7.46
CA MET B 120 -2.30 -19.72 6.74
C MET B 120 -1.99 -20.89 7.69
N ASP B 121 -2.36 -22.10 7.27
CA ASP B 121 -1.89 -23.33 7.94
C ASP B 121 -0.36 -23.39 8.00
N GLU B 122 0.15 -23.86 9.13
CA GLU B 122 1.56 -24.18 9.28
C GLU B 122 2.04 -25.09 8.14
N PRO B 123 3.24 -24.83 7.61
CA PRO B 123 4.23 -23.82 7.98
C PRO B 123 3.99 -22.55 7.19
N SER B 124 4.23 -21.39 7.78
CA SER B 124 3.93 -20.12 7.13
C SER B 124 4.77 -19.02 7.70
N LEU B 125 5.73 -18.59 6.93
CA LEU B 125 6.62 -17.53 7.34
C LEU B 125 5.90 -16.31 7.97
N TYR B 126 4.77 -15.88 7.40
CA TYR B 126 4.10 -14.66 7.89
C TYR B 126 3.31 -14.85 9.20
N ARG B 127 2.92 -16.09 9.45
CA ARG B 127 2.26 -16.50 10.70
C ARG B 127 3.30 -16.51 11.84
N GLU B 128 4.39 -17.23 11.59
CA GLU B 128 5.54 -17.19 12.46
C GLU B 128 5.96 -15.73 12.73
N MET B 129 6.18 -14.95 11.67
CA MET B 129 6.51 -13.51 11.84
C MET B 129 5.51 -12.72 12.70
N ALA B 130 4.23 -12.93 12.46
CA ALA B 130 3.22 -12.26 13.25
C ALA B 130 3.30 -12.62 14.76
N ILE B 131 3.37 -13.91 15.05
CA ILE B 131 3.36 -14.45 16.39
C ILE B 131 4.64 -14.11 17.15
N GLU B 132 5.78 -14.15 16.45
CA GLU B 132 7.07 -13.71 17.02
C GLU B 132 7.03 -12.24 17.52
N HIS B 133 6.69 -11.33 16.61
CA HIS B 133 6.66 -9.91 17.00
C HIS B 133 5.63 -9.52 18.04
N LEU B 134 4.43 -10.08 17.97
CA LEU B 134 3.39 -9.83 18.99
C LEU B 134 3.85 -10.32 20.37
N THR B 135 4.31 -11.57 20.44
CA THR B 135 4.80 -12.20 21.67
C THR B 135 5.95 -11.41 22.30
N GLN B 136 6.92 -11.02 21.47
CA GLN B 136 8.07 -10.21 21.89
C GLN B 136 7.64 -8.86 22.47
N ALA B 137 6.56 -8.29 21.92
CA ALA B 137 6.07 -6.99 22.39
C ALA B 137 5.07 -7.15 23.54
N GLY B 138 4.85 -8.39 23.99
CA GLY B 138 3.90 -8.63 25.09
C GLY B 138 2.44 -8.40 24.69
N VAL B 139 2.15 -8.55 23.39
CA VAL B 139 0.83 -8.31 22.82
C VAL B 139 0.09 -9.63 22.57
N PRO B 140 -1.02 -9.86 23.28
CA PRO B 140 -1.71 -11.15 23.19
C PRO B 140 -2.43 -11.29 21.85
N TRP B 141 -2.57 -12.53 21.42
CA TRP B 141 -3.08 -12.87 20.11
C TRP B 141 -3.89 -14.15 20.20
N ARG B 142 -4.53 -14.51 19.10
CA ARG B 142 -5.27 -15.75 19.00
C ARG B 142 -5.52 -16.03 17.52
N ILE B 143 -5.58 -17.31 17.16
CA ILE B 143 -5.92 -17.71 15.79
C ILE B 143 -7.43 -17.63 15.63
N ALA B 144 -7.90 -16.65 14.83
CA ALA B 144 -9.32 -16.50 14.58
C ALA B 144 -9.75 -17.29 13.33
N TYR B 145 -8.82 -17.45 12.38
CA TYR B 145 -9.14 -18.16 11.14
C TYR B 145 -7.89 -18.70 10.52
N VAL B 146 -7.81 -20.01 10.35
CA VAL B 146 -6.76 -20.68 9.56
C VAL B 146 -7.25 -20.82 8.10
N ALA B 147 -6.46 -20.29 7.17
CA ALA B 147 -6.85 -20.20 5.77
C ALA B 147 -5.90 -21.01 4.92
N SER B 148 -6.30 -21.28 3.68
CA SER B 148 -5.58 -22.19 2.83
C SER B 148 -4.86 -21.56 1.64
N SER B 149 -5.04 -20.26 1.43
CA SER B 149 -4.42 -19.58 0.28
C SER B 149 -4.46 -18.07 0.55
N LEU B 150 -3.87 -17.30 -0.35
CA LEU B 150 -3.85 -15.86 -0.19
C LEU B 150 -5.25 -15.31 -0.39
N SER B 151 -5.93 -15.77 -1.44
CA SER B 151 -7.31 -15.41 -1.72
C SER B 151 -8.18 -15.66 -0.50
N ALA B 152 -7.93 -16.78 0.16
CA ALA B 152 -8.67 -17.19 1.35
C ALA B 152 -8.28 -16.32 2.56
N ILE B 153 -7.01 -15.97 2.68
CA ILE B 153 -6.61 -14.94 3.66
C ILE B 153 -7.43 -13.67 3.40
N ARG B 154 -7.36 -13.10 2.20
CA ARG B 154 -8.13 -11.91 1.87
C ARG B 154 -9.61 -12.02 2.18
N ALA B 155 -10.22 -13.15 1.88
CA ALA B 155 -11.67 -13.24 1.98
C ALA B 155 -12.05 -13.25 3.47
N ALA B 156 -11.24 -13.94 4.25
CA ALA B 156 -11.41 -13.98 5.69
C ALA B 156 -11.31 -12.59 6.31
N VAL B 157 -10.25 -11.86 6.00
CA VAL B 157 -10.08 -10.50 6.50
C VAL B 157 -11.27 -9.60 6.05
N ARG B 158 -11.61 -9.70 4.78
CA ARG B 158 -12.71 -8.94 4.18
C ARG B 158 -14.03 -9.20 4.92
N ALA B 159 -14.19 -10.41 5.45
CA ALA B 159 -15.33 -10.78 6.27
C ALA B 159 -15.17 -10.33 7.73
N GLY B 160 -14.03 -9.69 8.07
CA GLY B 160 -13.83 -9.09 9.40
C GLY B 160 -13.50 -10.06 10.52
N LEU B 161 -12.90 -11.18 10.15
CA LEU B 161 -12.49 -12.16 11.15
C LEU B 161 -11.24 -11.70 11.92
N GLY B 162 -10.44 -10.79 11.37
CA GLY B 162 -9.25 -10.34 12.06
C GLY B 162 -8.22 -9.69 11.18
N VAL B 163 -6.96 -9.87 11.55
CA VAL B 163 -5.87 -9.08 11.05
C VAL B 163 -4.88 -10.09 10.48
N THR B 164 -4.14 -9.67 9.46
CA THR B 164 -3.09 -10.52 8.93
C THR B 164 -1.84 -9.69 8.70
N ALA B 165 -0.70 -10.33 8.67
CA ALA B 165 0.48 -9.58 8.37
C ALA B 165 0.90 -10.01 6.99
N ARG B 166 1.22 -9.04 6.14
CA ARG B 166 1.63 -9.33 4.76
C ARG B 166 2.42 -8.14 4.26
N PRO B 167 3.27 -8.36 3.22
CA PRO B 167 3.99 -7.26 2.52
C PRO B 167 3.06 -6.27 1.84
N ILE B 168 3.59 -5.08 1.53
CA ILE B 168 2.86 -4.02 0.81
C ILE B 168 2.16 -4.51 -0.45
N GLU B 169 2.70 -5.53 -1.11
CA GLU B 169 2.08 -5.86 -2.41
C GLU B 169 0.72 -6.57 -2.26
N MET B 170 0.35 -6.83 -1.01
CA MET B 170 -0.96 -7.36 -0.64
C MET B 170 -2.02 -6.28 -0.63
N MET B 171 -1.61 -5.01 -0.56
CA MET B 171 -2.59 -3.91 -0.47
C MET B 171 -3.71 -3.99 -1.53
N SER B 172 -4.95 -3.80 -1.09
CA SER B 172 -6.05 -3.58 -2.01
C SER B 172 -7.06 -2.58 -1.42
N PRO B 173 -8.07 -2.17 -2.21
CA PRO B 173 -9.07 -1.18 -1.77
C PRO B 173 -10.02 -1.71 -0.68
N ASP B 174 -10.07 -3.01 -0.48
CA ASP B 174 -10.88 -3.57 0.60
C ASP B 174 -10.13 -3.58 1.92
N LEU B 175 -8.86 -3.17 1.92
CA LEU B 175 -8.06 -3.24 3.15
C LEU B 175 -7.58 -1.90 3.68
N ARG B 176 -7.24 -1.87 4.97
CA ARG B 176 -6.51 -0.75 5.57
C ARG B 176 -5.43 -1.26 6.51
N VAL B 177 -4.51 -0.38 6.86
CA VAL B 177 -3.29 -0.71 7.53
C VAL B 177 -3.44 -0.37 9.00
N LEU B 178 -3.08 -1.30 9.87
CA LEU B 178 -3.01 -0.99 11.29
C LEU B 178 -1.56 -0.92 11.73
N GLY B 179 -1.32 -0.22 12.83
CA GLY B 179 0.01 -0.17 13.38
C GLY B 179 0.17 0.49 14.73
N GLU B 180 1.20 1.33 14.79
CA GLU B 180 1.69 1.88 16.05
C GLU B 180 0.57 2.43 16.94
N THR B 181 -0.20 3.37 16.39
CA THR B 181 -1.33 3.96 17.12
C THR B 181 -2.39 2.94 17.61
N GLU B 182 -2.44 1.77 16.98
CA GLU B 182 -3.26 0.65 17.48
C GLU B 182 -2.50 -0.30 18.48
N GLY B 183 -1.23 0.00 18.77
CA GLY B 183 -0.45 -0.80 19.72
C GLY B 183 0.36 -1.92 19.05
N LEU B 184 0.21 -2.06 17.74
CA LEU B 184 0.83 -3.12 16.97
C LEU B 184 2.27 -2.79 16.57
N PRO B 185 3.17 -3.78 16.72
CA PRO B 185 4.61 -3.61 16.54
C PRO B 185 4.98 -3.54 15.07
N GLY B 186 6.07 -2.84 14.76
CA GLY B 186 6.56 -2.77 13.38
C GLY B 186 7.09 -4.11 12.93
N LEU B 187 6.94 -4.42 11.64
CA LEU B 187 7.37 -5.69 11.09
C LEU B 187 8.60 -5.41 10.24
N PRO B 188 9.50 -6.41 10.10
CA PRO B 188 10.67 -6.15 9.27
C PRO B 188 10.27 -6.12 7.82
N GLU B 189 11.13 -5.55 6.98
CA GLU B 189 10.81 -5.44 5.58
C GLU B 189 10.95 -6.80 4.85
N THR B 190 10.26 -6.92 3.74
CA THR B 190 10.30 -8.15 2.97
C THR B 190 11.24 -7.94 1.80
N ARG B 191 12.23 -8.80 1.66
CA ARG B 191 13.15 -8.68 0.55
C ARG B 191 12.82 -9.82 -0.37
N TYR B 192 12.46 -9.49 -1.60
CA TYR B 192 12.28 -10.49 -2.64
C TYR B 192 13.62 -10.62 -3.31
N VAL B 193 14.22 -11.82 -3.23
CA VAL B 193 15.54 -12.07 -3.84
C VAL B 193 15.51 -13.08 -4.99
N LEU B 194 16.45 -12.89 -5.92
CA LEU B 194 16.59 -13.75 -7.05
C LEU B 194 17.88 -14.57 -6.94
N CYS B 195 17.74 -15.90 -6.93
CA CYS B 195 18.87 -16.81 -6.78
C CYS B 195 19.21 -17.64 -8.02
N LYS B 196 20.51 -17.88 -8.18
CA LYS B 196 21.06 -18.86 -9.12
C LYS B 196 21.97 -19.80 -8.34
N ASP B 197 22.27 -20.97 -8.92
CA ASP B 197 23.22 -21.92 -8.31
C ASP B 197 24.61 -21.68 -8.95
N LYS B 198 25.67 -22.23 -8.38
CA LYS B 198 26.96 -22.21 -9.06
C LYS B 198 26.94 -23.26 -10.18
N GLN B 199 26.42 -22.86 -11.34
CA GLN B 199 26.12 -23.78 -12.45
C GLN B 199 26.39 -23.11 -13.81
N CYS B 200 26.61 -23.93 -14.84
CA CYS B 200 26.81 -23.44 -16.21
C CYS B 200 25.53 -23.52 -17.05
N ASP B 201 24.84 -22.38 -17.17
CA ASP B 201 23.62 -22.26 -17.97
C ASP B 201 23.61 -20.91 -18.68
N ASN B 202 23.60 -20.95 -20.00
CA ASN B 202 23.70 -19.75 -20.84
C ASN B 202 22.48 -18.84 -20.81
N GLU B 203 21.29 -19.43 -20.70
CA GLU B 203 20.03 -18.68 -20.65
C GLU B 203 19.78 -18.07 -19.27
N LEU B 204 20.34 -18.72 -18.25
CA LEU B 204 20.18 -18.30 -16.86
C LEU B 204 21.00 -17.05 -16.53
N ALA B 205 22.21 -16.97 -17.07
CA ALA B 205 23.11 -15.84 -16.81
C ALA B 205 22.59 -14.52 -17.38
N LEU B 206 21.84 -14.61 -18.49
CA LEU B 206 21.24 -13.44 -19.13
C LEU B 206 20.16 -12.80 -18.26
N ALA B 207 19.33 -13.63 -17.64
CA ALA B 207 18.35 -13.17 -16.66
C ALA B 207 19.04 -12.78 -15.33
N ILE B 208 20.29 -13.22 -15.18
CA ILE B 208 21.21 -12.84 -14.08
C ILE B 208 20.67 -13.03 -12.65
#